data_1D0H
#
_entry.id   1D0H
#
_cell.length_a   67.076
_cell.length_b   70.882
_cell.length_c   122.238
_cell.angle_alpha   90.00
_cell.angle_beta   90.00
_cell.angle_gamma   90.00
#
_symmetry.space_group_name_H-M   'P 21 21 21'
#
loop_
_entity.id
_entity.type
_entity.pdbx_description
1 polymer 'PROTEIN (TETANUS TOXIN HC)'
2 non-polymer 2-acetamido-2-deoxy-alpha-D-galactopyranose
3 non-polymer 'SULFATE ION'
4 water water
#
_entity_poly.entity_id   1
_entity_poly.type   'polypeptide(L)'
_entity_poly.pdbx_seq_one_letter_code
;MGHGHHHHHHHHHHSSGHIEGRHMLDNEEDIDVILKKSTILNLDINNDIISDISGFNSSVITYPDAQLVPGINGKAIHLV
NNESSEVIVHKAMDIEYNDMFNNFTVSFWLRVPKVSASHLEQYGTNEYSIISSMKKHSLSIGSGWSVSLKGNNLIWTLKD
SAGEVRQITFRDLPDKFNAYLANKWVFITITNDRLSSANLYINGVLMGSAEITGLGAIREDNNITLKLDRCNNNNQYVSI
DKFRIFCKALNPKEIEKLYTSYLSITFLRDFWGNPLRYDTEYYLIPVASSSKDVQLKNITDYMYLTNAPSYTNGKLNIYY
RRLYNGLKFIIKRYTPNNEIDSFVKSGDFIKLYVSYNNNEHIVGYPKDGNAFNNLDRILRVGYNAPGIPLYKKMEAVKLR
DLKTYSVQLKLYDDKNASLGLVGTHNGQIGNDPNRDILIASNWYFNHLKDKILGCDWYFVPTDEGWTND
;
_entity_poly.pdbx_strand_id   A
#
# COMPACT_ATOMS: atom_id res chain seq x y z
N GLU A 29 25.89 3.36 -16.57
CA GLU A 29 26.25 3.48 -15.13
C GLU A 29 25.17 4.25 -14.38
N ASP A 30 24.26 4.88 -15.12
CA ASP A 30 23.14 5.55 -14.44
C ASP A 30 22.18 4.41 -14.13
N ILE A 31 21.69 4.31 -12.90
CA ILE A 31 20.75 3.22 -12.57
C ILE A 31 19.49 3.41 -13.41
N ASP A 32 19.04 4.65 -13.53
CA ASP A 32 17.87 5.00 -14.33
C ASP A 32 18.08 4.58 -15.78
N VAL A 33 19.26 4.80 -16.35
CA VAL A 33 19.57 4.37 -17.70
C VAL A 33 19.48 2.84 -17.80
N ILE A 34 20.16 2.17 -16.89
CA ILE A 34 20.16 0.70 -16.84
C ILE A 34 18.74 0.17 -16.73
N LEU A 35 17.99 0.69 -15.74
CA LEU A 35 16.60 0.23 -15.61
C LEU A 35 15.89 0.40 -16.95
N LYS A 36 15.95 1.61 -17.52
CA LYS A 36 15.33 1.87 -18.80
C LYS A 36 15.77 0.89 -19.88
N LYS A 37 17.08 0.77 -20.05
CA LYS A 37 17.69 -0.08 -21.04
C LYS A 37 17.34 -1.56 -20.95
N SER A 38 17.25 -2.11 -19.74
CA SER A 38 16.93 -3.54 -19.68
C SER A 38 15.45 -3.85 -19.70
N THR A 39 14.57 -2.86 -19.72
CA THR A 39 13.14 -3.11 -19.73
C THR A 39 12.65 -3.67 -21.06
N ILE A 40 12.05 -4.86 -21.07
CA ILE A 40 11.58 -5.45 -22.31
C ILE A 40 10.06 -5.62 -22.32
N LEU A 41 9.39 -5.14 -21.29
CA LEU A 41 7.93 -5.18 -21.19
C LEU A 41 7.57 -4.26 -20.03
N ASN A 42 6.60 -3.38 -20.22
CA ASN A 42 6.23 -2.41 -19.18
C ASN A 42 4.74 -2.10 -19.31
N LEU A 43 3.90 -2.79 -18.56
CA LEU A 43 2.46 -2.59 -18.70
C LEU A 43 2.09 -1.22 -18.14
N ASP A 44 1.57 -0.41 -19.05
CA ASP A 44 1.17 0.95 -18.66
C ASP A 44 -0.31 1.15 -18.95
N ILE A 45 -0.96 1.88 -18.06
CA ILE A 45 -2.36 2.21 -18.15
C ILE A 45 -2.50 3.71 -18.41
N ASN A 46 -2.93 3.98 -19.62
CA ASN A 46 -3.14 5.35 -20.05
C ASN A 46 -4.44 5.48 -20.83
N ASN A 47 -5.21 6.51 -20.49
CA ASN A 47 -6.51 6.77 -21.08
C ASN A 47 -7.42 5.57 -20.97
N ASP A 48 -7.38 4.93 -19.79
CA ASP A 48 -8.16 3.75 -19.49
C ASP A 48 -7.91 2.57 -20.42
N ILE A 49 -6.73 2.48 -21.00
CA ILE A 49 -6.33 1.38 -21.89
C ILE A 49 -4.95 0.88 -21.41
N ILE A 50 -4.79 -0.44 -21.31
CA ILE A 50 -3.54 -1.04 -20.87
C ILE A 50 -2.70 -1.37 -22.12
N SER A 51 -1.43 -0.96 -22.12
CA SER A 51 -0.54 -1.31 -23.21
C SER A 51 0.90 -1.45 -22.68
N ASP A 52 1.74 -2.01 -23.56
CA ASP A 52 3.15 -2.19 -23.34
C ASP A 52 3.91 -0.96 -23.85
N ILE A 53 4.55 -0.22 -22.98
CA ILE A 53 5.30 0.98 -23.36
C ILE A 53 6.80 0.76 -23.28
N SER A 54 7.27 -0.49 -23.41
CA SER A 54 8.70 -0.79 -23.35
C SER A 54 9.45 -0.25 -24.57
N GLY A 55 8.79 -0.35 -25.72
CA GLY A 55 9.37 0.05 -27.00
C GLY A 55 9.33 -1.20 -27.88
N PHE A 56 9.08 -2.33 -27.20
CA PHE A 56 8.99 -3.62 -27.87
C PHE A 56 7.59 -3.81 -28.43
N ASN A 57 6.67 -2.98 -27.96
CA ASN A 57 5.30 -2.99 -28.48
C ASN A 57 4.65 -4.35 -28.40
N SER A 58 4.74 -5.05 -27.26
CA SER A 58 4.06 -6.34 -27.15
C SER A 58 2.54 -6.05 -27.14
N SER A 59 1.77 -6.92 -27.78
CA SER A 59 0.33 -6.69 -27.82
C SER A 59 -0.35 -7.18 -26.56
N VAL A 60 -1.18 -6.27 -26.02
CA VAL A 60 -1.93 -6.55 -24.83
C VAL A 60 -3.43 -6.68 -25.08
N ILE A 61 -3.97 -7.82 -24.68
CA ILE A 61 -5.39 -8.11 -24.76
C ILE A 61 -6.07 -8.05 -23.40
N THR A 62 -7.01 -7.10 -23.24
CA THR A 62 -7.76 -6.97 -22.00
C THR A 62 -9.13 -7.60 -22.14
N TYR A 63 -9.51 -8.61 -21.38
CA TYR A 63 -10.85 -9.19 -21.48
C TYR A 63 -11.87 -8.31 -20.76
N PRO A 64 -13.16 -8.53 -21.00
CA PRO A 64 -14.22 -7.70 -20.48
C PRO A 64 -14.25 -7.43 -18.99
N ASP A 65 -13.92 -8.41 -18.16
CA ASP A 65 -13.96 -8.24 -16.72
C ASP A 65 -12.63 -7.98 -16.03
N ALA A 66 -11.60 -7.48 -16.73
CA ALA A 66 -10.40 -7.01 -16.04
C ALA A 66 -10.81 -5.58 -15.63
N GLN A 67 -10.68 -5.18 -14.40
CA GLN A 67 -11.10 -3.85 -13.97
C GLN A 67 -9.95 -2.90 -13.71
N LEU A 68 -10.23 -1.62 -13.67
CA LEU A 68 -9.22 -0.64 -13.31
C LEU A 68 -9.66 -0.03 -11.98
N VAL A 69 -8.69 0.11 -11.08
CA VAL A 69 -8.97 0.65 -9.75
C VAL A 69 -7.83 1.57 -9.39
N PRO A 70 -7.95 2.34 -8.33
CA PRO A 70 -6.85 3.19 -7.88
C PRO A 70 -5.60 2.37 -7.56
N GLY A 71 -4.47 2.82 -8.06
CA GLY A 71 -3.15 2.29 -7.84
C GLY A 71 -2.20 3.26 -7.11
N ILE A 72 -0.94 2.86 -7.10
CA ILE A 72 0.17 3.51 -6.43
C ILE A 72 0.48 4.84 -7.13
N ASN A 73 0.33 4.89 -8.45
CA ASN A 73 0.56 6.15 -9.16
C ASN A 73 -0.24 6.19 -10.46
N GLY A 74 -1.57 6.19 -10.33
CA GLY A 74 -2.47 6.14 -11.48
C GLY A 74 -3.45 4.99 -11.21
N LYS A 75 -3.99 4.39 -12.23
CA LYS A 75 -4.91 3.26 -12.03
C LYS A 75 -4.13 1.95 -12.08
N ALA A 76 -4.68 0.90 -11.52
CA ALA A 76 -4.05 -0.41 -11.51
C ALA A 76 -5.02 -1.47 -12.04
N ILE A 77 -4.53 -2.66 -12.35
CA ILE A 77 -5.41 -3.75 -12.84
C ILE A 77 -6.01 -4.50 -11.65
N HIS A 78 -7.28 -4.85 -11.72
CA HIS A 78 -7.96 -5.60 -10.69
C HIS A 78 -8.54 -6.86 -11.33
N LEU A 79 -8.25 -8.01 -10.70
CA LEU A 79 -8.73 -9.25 -11.28
C LEU A 79 -9.64 -9.99 -10.33
N VAL A 80 -10.81 -10.35 -10.82
CA VAL A 80 -11.75 -11.08 -9.95
C VAL A 80 -11.72 -12.53 -10.39
N ASN A 81 -12.45 -13.40 -9.70
CA ASN A 81 -12.34 -14.82 -9.97
C ASN A 81 -13.30 -15.37 -11.02
N ASN A 82 -13.09 -14.96 -12.27
CA ASN A 82 -13.86 -15.46 -13.37
C ASN A 82 -12.96 -15.35 -14.60
N GLU A 83 -13.30 -16.20 -15.55
CA GLU A 83 -12.73 -16.45 -16.83
C GLU A 83 -12.60 -15.20 -17.68
N SER A 84 -13.53 -14.25 -17.61
CA SER A 84 -13.39 -13.05 -18.44
C SER A 84 -12.58 -11.97 -17.74
N SER A 85 -12.01 -12.25 -16.59
CA SER A 85 -11.17 -11.26 -15.89
C SER A 85 -9.70 -11.59 -16.09
N GLU A 86 -9.14 -11.08 -17.19
CA GLU A 86 -7.75 -11.41 -17.48
C GLU A 86 -7.21 -10.40 -18.46
N VAL A 87 -5.90 -10.31 -18.46
CA VAL A 87 -5.10 -9.47 -19.30
C VAL A 87 -3.99 -10.40 -19.85
N ILE A 88 -3.91 -10.48 -21.16
CA ILE A 88 -2.89 -11.34 -21.78
C ILE A 88 -1.95 -10.47 -22.61
N VAL A 89 -0.68 -10.67 -22.39
CA VAL A 89 0.39 -10.02 -23.12
C VAL A 89 0.95 -11.03 -24.12
N HIS A 90 0.85 -10.79 -25.42
CA HIS A 90 1.41 -11.68 -26.43
C HIS A 90 2.79 -11.14 -26.80
N LYS A 91 3.84 -11.82 -26.35
CA LYS A 91 5.21 -11.36 -26.57
C LYS A 91 5.50 -10.92 -27.99
N ALA A 92 6.19 -9.79 -28.10
CA ALA A 92 6.60 -9.27 -29.40
C ALA A 92 7.69 -10.21 -29.93
N MET A 93 7.83 -10.34 -31.24
CA MET A 93 8.83 -11.22 -31.80
C MET A 93 10.23 -11.05 -31.26
N ASP A 94 10.74 -9.83 -31.13
CA ASP A 94 12.08 -9.57 -30.63
C ASP A 94 12.39 -10.22 -29.30
N ILE A 95 11.46 -10.18 -28.33
CA ILE A 95 11.69 -10.75 -27.01
C ILE A 95 10.97 -12.06 -26.73
N GLU A 96 10.84 -12.95 -27.71
CA GLU A 96 10.17 -14.23 -27.58
C GLU A 96 10.90 -15.30 -26.79
N TYR A 97 12.22 -15.29 -26.81
CA TYR A 97 13.08 -16.26 -26.17
C TYR A 97 14.06 -15.72 -25.15
N ASN A 98 13.86 -14.52 -24.60
CA ASN A 98 14.79 -13.92 -23.67
C ASN A 98 14.90 -14.58 -22.31
N ASP A 99 14.10 -15.59 -21.99
CA ASP A 99 14.24 -16.26 -20.71
C ASP A 99 14.42 -17.76 -20.89
N MET A 100 14.95 -18.20 -22.05
CA MET A 100 15.21 -19.64 -22.19
C MET A 100 16.44 -19.95 -21.33
N PHE A 101 17.49 -19.15 -21.52
CA PHE A 101 18.73 -19.29 -20.76
C PHE A 101 19.20 -17.95 -20.18
N ASN A 102 18.51 -16.84 -20.45
CA ASN A 102 18.98 -15.57 -19.94
C ASN A 102 18.42 -15.22 -18.56
N ASN A 103 19.17 -14.39 -17.84
CA ASN A 103 18.75 -13.87 -16.56
C ASN A 103 17.59 -12.90 -16.80
N PHE A 104 16.65 -12.83 -15.88
CA PHE A 104 15.57 -11.88 -16.00
C PHE A 104 15.06 -11.50 -14.60
N THR A 105 14.37 -10.38 -14.58
CA THR A 105 13.75 -9.84 -13.40
C THR A 105 12.31 -9.46 -13.77
N VAL A 106 11.40 -9.80 -12.87
CA VAL A 106 10.00 -9.44 -13.04
C VAL A 106 9.68 -8.54 -11.83
N SER A 107 8.98 -7.44 -12.05
CA SER A 107 8.59 -6.55 -10.96
C SER A 107 7.17 -6.06 -11.18
N PHE A 108 6.46 -5.79 -10.09
CA PHE A 108 5.09 -5.35 -10.10
C PHE A 108 4.67 -4.95 -8.68
N TRP A 109 3.72 -4.02 -8.65
CA TRP A 109 3.08 -3.67 -7.39
C TRP A 109 2.00 -4.71 -7.13
N LEU A 110 1.73 -5.15 -5.92
CA LEU A 110 0.70 -6.18 -5.76
C LEU A 110 -0.19 -5.86 -4.59
N ARG A 111 -1.49 -6.14 -4.60
CA ARG A 111 -2.34 -5.88 -3.44
C ARG A 111 -3.25 -7.10 -3.26
N VAL A 112 -3.19 -7.78 -2.15
CA VAL A 112 -3.97 -8.98 -1.86
C VAL A 112 -4.79 -8.70 -0.61
N PRO A 113 -6.08 -8.98 -0.63
CA PRO A 113 -6.93 -8.69 0.54
C PRO A 113 -6.50 -9.59 1.70
N LYS A 114 -6.72 -9.14 2.93
CA LYS A 114 -6.37 -10.00 4.08
C LYS A 114 -7.28 -11.24 4.08
N VAL A 115 -6.70 -12.44 4.17
CA VAL A 115 -7.48 -13.66 4.17
C VAL A 115 -8.14 -13.86 5.54
N SER A 116 -9.45 -14.03 5.60
CA SER A 116 -10.16 -14.26 6.83
C SER A 116 -9.71 -15.55 7.49
N ALA A 117 -9.92 -15.70 8.78
CA ALA A 117 -9.59 -16.95 9.47
C ALA A 117 -10.40 -18.09 8.87
N SER A 118 -11.69 -17.93 8.57
CA SER A 118 -12.40 -19.03 7.90
C SER A 118 -11.84 -19.33 6.52
N HIS A 119 -11.39 -18.36 5.72
CA HIS A 119 -10.82 -18.68 4.42
C HIS A 119 -9.45 -19.31 4.47
N LEU A 120 -8.71 -19.17 5.57
CA LEU A 120 -7.39 -19.79 5.68
C LEU A 120 -7.61 -21.29 5.94
N GLU A 121 -8.60 -21.59 6.77
CA GLU A 121 -8.98 -22.94 7.09
C GLU A 121 -9.56 -23.66 5.87
N GLN A 122 -10.53 -22.99 5.24
CA GLN A 122 -11.20 -23.56 4.08
C GLN A 122 -10.34 -23.66 2.84
N TYR A 123 -9.58 -22.61 2.53
CA TYR A 123 -8.81 -22.58 1.30
C TYR A 123 -7.30 -22.52 1.47
N GLY A 124 -6.71 -22.69 2.63
CA GLY A 124 -5.28 -22.55 2.84
C GLY A 124 -4.28 -23.39 2.08
N THR A 125 -4.67 -24.57 1.62
CA THR A 125 -3.81 -25.48 0.87
C THR A 125 -4.04 -25.33 -0.63
N ASN A 126 -4.90 -24.41 -1.01
CA ASN A 126 -5.20 -24.18 -2.42
C ASN A 126 -4.29 -23.12 -3.04
N GLU A 127 -3.34 -23.59 -3.84
CA GLU A 127 -2.41 -22.71 -4.54
C GLU A 127 -3.01 -22.25 -5.86
N TYR A 128 -3.00 -20.93 -6.11
CA TYR A 128 -3.56 -20.42 -7.38
C TYR A 128 -2.62 -19.44 -8.02
N SER A 129 -2.39 -19.54 -9.33
CA SER A 129 -1.49 -18.58 -9.95
C SER A 129 -2.23 -17.27 -10.25
N ILE A 130 -1.45 -16.17 -10.27
CA ILE A 130 -2.05 -14.88 -10.60
C ILE A 130 -1.39 -14.34 -11.84
N ILE A 131 -0.11 -14.64 -12.02
CA ILE A 131 0.68 -14.20 -13.15
C ILE A 131 1.52 -15.42 -13.59
N SER A 132 1.43 -15.75 -14.87
CA SER A 132 2.13 -16.91 -15.39
C SER A 132 2.46 -16.84 -16.87
N SER A 133 3.61 -17.42 -17.18
CA SER A 133 4.04 -17.54 -18.56
C SER A 133 4.02 -19.03 -18.96
N MET A 134 3.41 -19.91 -18.19
CA MET A 134 3.37 -21.31 -18.52
C MET A 134 2.10 -21.79 -19.22
N LYS A 135 2.25 -22.43 -20.37
CA LYS A 135 1.11 -23.04 -21.04
C LYS A 135 0.45 -24.06 -20.11
N LYS A 136 -0.67 -24.62 -20.58
CA LYS A 136 -1.38 -25.63 -19.80
C LYS A 136 -2.47 -26.35 -20.58
N HIS A 137 -2.96 -25.81 -21.69
CA HIS A 137 -4.04 -26.48 -22.42
C HIS A 137 -3.60 -27.24 -23.66
N SER A 138 -2.36 -27.74 -23.68
CA SER A 138 -1.85 -28.50 -24.82
C SER A 138 -0.59 -29.26 -24.45
N LEU A 139 0.33 -28.55 -23.82
CA LEU A 139 1.61 -29.13 -23.38
C LEU A 139 1.43 -29.51 -21.91
N SER A 140 1.27 -30.80 -21.67
CA SER A 140 0.99 -31.40 -20.38
C SER A 140 1.49 -30.78 -19.10
N ILE A 141 2.61 -30.10 -18.92
CA ILE A 141 2.99 -29.48 -17.65
C ILE A 141 3.90 -28.27 -17.87
N GLY A 142 3.33 -27.20 -18.39
CA GLY A 142 3.94 -25.96 -18.74
C GLY A 142 5.21 -25.48 -18.08
N SER A 143 6.29 -25.51 -18.83
CA SER A 143 7.59 -24.98 -18.39
C SER A 143 7.42 -23.47 -18.39
N GLY A 144 8.24 -22.73 -17.66
CA GLY A 144 8.10 -21.26 -17.64
C GLY A 144 8.16 -20.77 -16.20
N TRP A 145 7.57 -19.59 -15.93
CA TRP A 145 7.58 -19.08 -14.55
C TRP A 145 6.19 -18.69 -14.11
N SER A 146 5.95 -18.54 -12.82
CA SER A 146 4.64 -18.13 -12.33
C SER A 146 4.79 -17.49 -10.94
N VAL A 147 3.83 -16.66 -10.63
CA VAL A 147 3.66 -16.03 -9.34
C VAL A 147 2.36 -16.57 -8.78
N SER A 148 2.42 -17.20 -7.59
CA SER A 148 1.17 -17.71 -7.05
C SER A 148 1.07 -17.39 -5.55
N LEU A 149 -0.12 -17.65 -5.05
CA LEU A 149 -0.55 -17.40 -3.71
C LEU A 149 -1.16 -18.71 -3.16
N LYS A 150 -0.89 -18.96 -1.89
CA LYS A 150 -1.42 -20.16 -1.24
C LYS A 150 -1.60 -19.81 0.23
N GLY A 151 -2.83 -19.45 0.57
CA GLY A 151 -3.07 -19.05 1.97
C GLY A 151 -2.26 -17.75 2.11
N ASN A 152 -1.39 -17.70 3.08
CA ASN A 152 -0.58 -16.50 3.27
C ASN A 152 0.85 -16.67 2.77
N ASN A 153 1.05 -17.41 1.68
CA ASN A 153 2.38 -17.57 1.12
C ASN A 153 2.38 -16.95 -0.27
N LEU A 154 3.44 -16.27 -0.68
CA LEU A 154 3.62 -15.76 -2.03
C LEU A 154 4.69 -16.69 -2.62
N ILE A 155 4.42 -17.31 -3.74
CA ILE A 155 5.31 -18.31 -4.33
C ILE A 155 5.78 -17.95 -5.72
N TRP A 156 7.09 -18.00 -5.94
CA TRP A 156 7.66 -17.81 -7.27
C TRP A 156 8.09 -19.19 -7.80
N THR A 157 7.72 -19.55 -9.02
CA THR A 157 8.21 -20.87 -9.49
C THR A 157 8.72 -20.81 -10.90
N LEU A 158 9.86 -21.49 -11.08
CA LEU A 158 10.56 -21.64 -12.33
C LEU A 158 10.49 -23.14 -12.66
N LYS A 159 10.20 -23.51 -13.89
CA LYS A 159 10.12 -24.93 -14.25
C LYS A 159 10.72 -25.07 -15.63
N ASP A 160 11.77 -25.89 -15.78
CA ASP A 160 12.46 -26.04 -17.06
C ASP A 160 11.76 -27.04 -17.97
N SER A 161 12.23 -27.25 -19.18
CA SER A 161 11.63 -28.21 -20.12
C SER A 161 11.80 -29.66 -19.73
N ALA A 162 12.65 -29.99 -18.76
CA ALA A 162 12.81 -31.36 -18.29
C ALA A 162 11.83 -31.59 -17.16
N GLY A 163 11.05 -30.55 -16.80
CA GLY A 163 10.12 -30.63 -15.69
C GLY A 163 10.83 -30.35 -14.37
N GLU A 164 12.09 -29.93 -14.40
CA GLU A 164 12.76 -29.65 -13.11
C GLU A 164 12.14 -28.36 -12.56
N VAL A 165 12.04 -28.22 -11.25
CA VAL A 165 11.42 -27.04 -10.66
C VAL A 165 12.23 -26.39 -9.55
N ARG A 166 12.24 -25.07 -9.52
CA ARG A 166 12.80 -24.35 -8.36
C ARG A 166 11.72 -23.41 -7.83
N GLN A 167 11.54 -23.33 -6.52
CA GLN A 167 10.54 -22.46 -5.93
C GLN A 167 11.13 -21.64 -4.76
N ILE A 168 10.56 -20.44 -4.62
CA ILE A 168 10.79 -19.56 -3.50
C ILE A 168 9.40 -19.43 -2.84
N THR A 169 9.31 -19.90 -1.61
CA THR A 169 8.06 -19.82 -0.88
C THR A 169 8.21 -18.76 0.22
N PHE A 170 7.58 -17.60 0.04
CA PHE A 170 7.74 -16.57 1.08
C PHE A 170 6.58 -16.72 2.04
N ARG A 171 6.84 -16.86 3.32
CA ARG A 171 5.76 -17.01 4.30
C ARG A 171 5.46 -15.66 4.93
N ASP A 172 4.24 -15.14 4.84
CA ASP A 172 4.01 -13.79 5.36
C ASP A 172 4.06 -13.76 6.87
N LEU A 173 4.33 -12.55 7.34
CA LEU A 173 4.37 -12.19 8.74
C LEU A 173 3.02 -12.48 9.39
N PRO A 174 3.04 -13.03 10.61
CA PRO A 174 1.86 -13.31 11.36
C PRO A 174 1.09 -12.06 11.76
N ASP A 175 1.69 -10.94 12.07
CA ASP A 175 0.96 -9.73 12.45
C ASP A 175 0.42 -9.06 11.19
N LYS A 176 -0.88 -9.09 10.98
CA LYS A 176 -1.47 -8.60 9.74
C LYS A 176 -1.45 -7.11 9.54
N PHE A 177 -1.27 -6.34 10.61
CA PHE A 177 -1.13 -4.91 10.52
C PHE A 177 0.14 -4.55 9.76
N ASN A 178 1.21 -5.30 10.05
CA ASN A 178 2.47 -5.03 9.36
C ASN A 178 2.82 -5.97 8.24
N ALA A 179 1.95 -6.89 7.87
CA ALA A 179 2.24 -7.91 6.85
C ALA A 179 2.11 -7.43 5.42
N TYR A 180 2.70 -8.17 4.46
CA TYR A 180 2.74 -7.88 3.06
C TYR A 180 1.61 -8.37 2.20
N LEU A 181 0.92 -9.42 2.61
CA LEU A 181 -0.23 -9.89 1.85
C LEU A 181 -1.47 -9.61 2.67
N ALA A 182 -1.58 -8.35 3.15
CA ALA A 182 -2.74 -8.10 3.98
C ALA A 182 -3.38 -6.77 3.66
N ASN A 183 -3.77 -6.61 2.40
CA ASN A 183 -4.57 -5.51 1.89
C ASN A 183 -3.82 -4.23 1.57
N LYS A 184 -2.52 -4.15 1.79
CA LYS A 184 -1.76 -2.99 1.41
C LYS A 184 -1.08 -3.19 0.07
N TRP A 185 -0.85 -2.08 -0.65
CA TRP A 185 -0.03 -2.18 -1.86
C TRP A 185 1.44 -2.41 -1.44
N VAL A 186 2.06 -3.41 -2.07
CA VAL A 186 3.46 -3.77 -1.82
C VAL A 186 4.18 -3.99 -3.14
N PHE A 187 5.50 -3.72 -3.15
CA PHE A 187 6.23 -3.84 -4.39
C PHE A 187 7.08 -5.11 -4.46
N ILE A 188 6.74 -5.93 -5.46
CA ILE A 188 7.42 -7.20 -5.66
C ILE A 188 8.53 -7.11 -6.68
N THR A 189 9.68 -7.71 -6.39
CA THR A 189 10.76 -7.82 -7.38
C THR A 189 11.40 -9.20 -7.26
N ILE A 190 11.48 -9.96 -8.36
CA ILE A 190 12.08 -11.30 -8.32
C ILE A 190 13.15 -11.37 -9.41
N THR A 191 14.40 -11.49 -9.00
CA THR A 191 15.48 -11.51 -9.98
C THR A 191 15.95 -12.96 -10.18
N ASN A 192 16.31 -13.31 -11.40
CA ASN A 192 16.76 -14.66 -11.71
C ASN A 192 18.13 -14.61 -12.41
N ASP A 193 19.13 -15.08 -11.68
CA ASP A 193 20.48 -15.18 -12.24
C ASP A 193 20.68 -16.68 -12.52
N ARG A 194 20.67 -17.09 -13.77
CA ARG A 194 20.82 -18.47 -14.18
C ARG A 194 22.10 -19.13 -13.66
N LEU A 195 23.19 -18.39 -13.46
CA LEU A 195 24.40 -18.91 -12.84
C LEU A 195 24.32 -19.01 -11.33
N SER A 196 23.32 -18.46 -10.64
CA SER A 196 23.33 -18.62 -9.20
C SER A 196 21.92 -18.77 -8.62
N SER A 197 21.25 -17.64 -8.33
CA SER A 197 19.95 -17.80 -7.68
C SER A 197 18.84 -16.87 -8.15
N ALA A 198 17.64 -17.21 -7.68
CA ALA A 198 16.51 -16.37 -7.85
C ALA A 198 16.23 -15.80 -6.51
N ASN A 199 16.02 -14.49 -6.48
CA ASN A 199 15.86 -13.82 -5.19
C ASN A 199 14.54 -13.03 -5.16
N LEU A 200 13.80 -13.12 -4.08
CA LEU A 200 12.52 -12.41 -4.01
C LEU A 200 12.65 -11.23 -3.02
N TYR A 201 12.29 -10.06 -3.51
CA TYR A 201 12.33 -8.83 -2.75
C TYR A 201 10.94 -8.25 -2.54
N ILE A 202 10.64 -7.72 -1.36
CA ILE A 202 9.34 -7.10 -1.10
C ILE A 202 9.67 -5.67 -0.63
N ASN A 203 9.12 -4.64 -1.21
CA ASN A 203 9.48 -3.25 -0.87
C ASN A 203 10.99 -3.06 -0.79
N GLY A 204 11.69 -3.58 -1.80
CA GLY A 204 13.11 -3.45 -1.93
C GLY A 204 13.95 -4.31 -0.99
N VAL A 205 13.36 -5.13 -0.15
CA VAL A 205 14.11 -5.92 0.81
C VAL A 205 14.06 -7.40 0.45
N LEU A 206 15.23 -8.03 0.50
CA LEU A 206 15.45 -9.42 0.21
C LEU A 206 14.70 -10.27 1.23
N MET A 207 13.74 -11.05 0.76
CA MET A 207 12.95 -11.88 1.68
C MET A 207 12.93 -13.34 1.29
N GLY A 208 13.57 -13.74 0.20
CA GLY A 208 13.50 -15.15 -0.18
C GLY A 208 14.48 -15.47 -1.29
N SER A 209 14.99 -16.70 -1.30
CA SER A 209 15.98 -17.05 -2.33
C SER A 209 15.97 -18.51 -2.72
N ALA A 210 16.51 -18.81 -3.90
CA ALA A 210 16.61 -20.21 -4.30
C ALA A 210 17.72 -20.33 -5.34
N GLU A 211 18.54 -21.36 -5.14
CA GLU A 211 19.63 -21.60 -6.12
C GLU A 211 19.02 -22.27 -7.33
N ILE A 212 19.24 -21.72 -8.52
CA ILE A 212 18.57 -22.19 -9.73
C ILE A 212 19.52 -22.81 -10.74
N THR A 213 20.74 -23.06 -10.27
CA THR A 213 21.71 -23.74 -11.14
C THR A 213 21.13 -25.16 -11.26
N GLY A 214 21.33 -25.79 -12.40
CA GLY A 214 20.75 -27.15 -12.53
C GLY A 214 19.38 -27.04 -13.19
N LEU A 215 18.84 -25.82 -13.31
CA LEU A 215 17.62 -25.67 -14.08
C LEU A 215 18.15 -25.59 -15.50
N GLY A 216 17.44 -26.19 -16.44
CA GLY A 216 17.85 -26.15 -17.83
C GLY A 216 17.13 -25.00 -18.54
N ALA A 217 16.71 -25.28 -19.77
CA ALA A 217 16.00 -24.29 -20.57
C ALA A 217 14.58 -24.07 -20.05
N ILE A 218 14.27 -22.79 -19.93
CA ILE A 218 12.95 -22.38 -19.47
C ILE A 218 12.21 -21.94 -20.73
N ARG A 219 11.28 -22.78 -21.16
CA ARG A 219 10.57 -22.57 -22.41
C ARG A 219 9.06 -22.48 -22.22
N GLU A 220 8.70 -21.27 -21.88
CA GLU A 220 7.38 -20.76 -21.61
C GLU A 220 6.46 -20.67 -22.83
N ASP A 221 5.21 -20.36 -22.51
CA ASP A 221 4.20 -20.07 -23.52
C ASP A 221 4.61 -18.75 -24.16
N ASN A 222 4.06 -18.39 -25.30
CA ASN A 222 4.33 -17.11 -25.96
C ASN A 222 3.49 -15.98 -25.35
N ASN A 223 2.71 -16.31 -24.33
CA ASN A 223 1.83 -15.41 -23.63
C ASN A 223 2.12 -15.34 -22.14
N ILE A 224 2.01 -14.11 -21.64
CA ILE A 224 2.11 -13.83 -20.22
C ILE A 224 0.68 -13.53 -19.77
N THR A 225 0.17 -14.36 -18.89
CA THR A 225 -1.20 -14.22 -18.45
C THR A 225 -1.39 -13.77 -17.03
N LEU A 226 -2.15 -12.70 -16.88
CA LEU A 226 -2.56 -12.13 -15.62
C LEU A 226 -4.02 -12.55 -15.39
N LYS A 227 -4.25 -13.44 -14.46
CA LYS A 227 -5.54 -14.01 -14.18
C LYS A 227 -5.50 -14.94 -12.96
N LEU A 228 -6.60 -15.04 -12.24
CA LEU A 228 -6.66 -15.99 -11.14
C LEU A 228 -6.81 -17.38 -11.79
N ASP A 229 -5.88 -18.25 -11.47
CA ASP A 229 -5.92 -19.56 -12.14
C ASP A 229 -5.89 -20.69 -11.14
N ARG A 230 -7.00 -21.41 -11.04
CA ARG A 230 -7.15 -22.57 -10.17
C ARG A 230 -7.58 -22.18 -8.76
N CYS A 231 -8.16 -20.98 -8.65
CA CYS A 231 -8.62 -20.50 -7.35
C CYS A 231 -10.02 -21.02 -7.01
N ASN A 232 -10.14 -21.76 -5.91
CA ASN A 232 -11.44 -22.30 -5.51
C ASN A 232 -12.34 -21.26 -4.84
N ASN A 233 -11.74 -20.20 -4.30
CA ASN A 233 -12.55 -19.16 -3.65
C ASN A 233 -13.18 -18.25 -4.70
N ASN A 234 -14.48 -18.35 -4.92
CA ASN A 234 -15.16 -17.52 -5.92
C ASN A 234 -15.04 -16.03 -5.66
N ASN A 235 -14.91 -15.55 -4.43
CA ASN A 235 -14.80 -14.14 -4.13
C ASN A 235 -13.37 -13.61 -4.05
N GLN A 236 -12.38 -14.39 -4.42
CA GLN A 236 -11.00 -13.92 -4.35
C GLN A 236 -10.77 -12.88 -5.44
N TYR A 237 -9.91 -11.91 -5.16
CA TYR A 237 -9.47 -10.94 -6.16
C TYR A 237 -8.05 -10.52 -5.80
N VAL A 238 -7.33 -9.87 -6.71
CA VAL A 238 -6.00 -9.37 -6.49
C VAL A 238 -5.91 -8.07 -7.31
N SER A 239 -4.95 -7.21 -7.02
CA SER A 239 -4.76 -6.05 -7.90
C SER A 239 -3.28 -6.04 -8.28
N ILE A 240 -2.93 -5.73 -9.52
CA ILE A 240 -1.53 -5.78 -9.94
C ILE A 240 -1.23 -4.49 -10.69
N ASP A 241 -0.03 -3.95 -10.57
CA ASP A 241 0.22 -2.70 -11.31
C ASP A 241 1.68 -2.62 -11.67
N LYS A 242 1.95 -1.89 -12.74
CA LYS A 242 3.29 -1.68 -13.26
C LYS A 242 4.02 -2.97 -13.63
N PHE A 243 3.31 -4.00 -14.04
CA PHE A 243 3.94 -5.26 -14.41
C PHE A 243 5.10 -4.94 -15.36
N ARG A 244 6.29 -5.42 -15.01
CA ARG A 244 7.47 -5.09 -15.79
C ARG A 244 8.47 -6.23 -15.83
N ILE A 245 9.12 -6.41 -16.99
CA ILE A 245 10.11 -7.47 -17.15
C ILE A 245 11.42 -6.83 -17.63
N PHE A 246 12.52 -7.21 -16.98
CA PHE A 246 13.82 -6.67 -17.31
C PHE A 246 14.70 -7.83 -17.79
N CYS A 247 15.51 -7.59 -18.80
CA CYS A 247 16.36 -8.68 -19.32
C CYS A 247 17.70 -8.75 -18.60
N LYS A 248 17.70 -8.86 -17.29
CA LYS A 248 18.91 -8.96 -16.49
C LYS A 248 18.48 -9.23 -15.05
N ALA A 249 19.40 -9.67 -14.20
CA ALA A 249 19.07 -9.87 -12.79
C ALA A 249 19.38 -8.55 -12.09
N LEU A 250 18.40 -7.79 -11.63
CA LEU A 250 18.77 -6.51 -11.00
C LEU A 250 19.56 -6.71 -9.72
N ASN A 251 20.44 -5.76 -9.38
CA ASN A 251 21.14 -5.83 -8.10
C ASN A 251 20.28 -5.02 -7.12
N PRO A 252 20.57 -5.17 -5.84
CA PRO A 252 19.81 -4.48 -4.80
C PRO A 252 19.72 -2.97 -4.95
N LYS A 253 20.79 -2.32 -5.42
CA LYS A 253 20.74 -0.86 -5.58
C LYS A 253 19.75 -0.46 -6.67
N GLU A 254 19.71 -1.19 -7.79
CA GLU A 254 18.76 -0.95 -8.86
C GLU A 254 17.31 -1.17 -8.42
N ILE A 255 17.10 -2.17 -7.56
CA ILE A 255 15.78 -2.52 -7.08
C ILE A 255 15.25 -1.42 -6.15
N GLU A 256 16.13 -0.96 -5.28
CA GLU A 256 15.81 0.12 -4.34
C GLU A 256 15.33 1.36 -5.10
N LYS A 257 16.09 1.74 -6.12
CA LYS A 257 15.81 2.87 -6.98
C LYS A 257 14.51 2.64 -7.76
N LEU A 258 14.35 1.42 -8.27
CA LEU A 258 13.13 1.02 -8.95
C LEU A 258 11.90 1.23 -8.08
N TYR A 259 11.96 0.66 -6.88
CA TYR A 259 10.89 0.76 -5.92
C TYR A 259 10.56 2.21 -5.58
N THR A 260 11.56 3.01 -5.19
CA THR A 260 11.25 4.39 -4.82
C THR A 260 10.87 5.30 -5.98
N SER A 261 11.20 4.89 -7.20
CA SER A 261 10.84 5.68 -8.38
C SER A 261 9.32 5.78 -8.53
N TYR A 262 8.58 4.81 -7.99
CA TYR A 262 7.14 4.82 -8.06
C TYR A 262 6.50 5.66 -6.98
N LEU A 263 7.20 5.96 -5.90
CA LEU A 263 6.57 6.69 -4.81
C LEU A 263 6.50 8.18 -5.03
N SER A 264 5.59 8.64 -5.91
CA SER A 264 5.43 10.07 -6.17
C SER A 264 4.79 10.73 -4.96
N ILE A 265 5.40 11.81 -4.53
CA ILE A 265 4.99 12.58 -3.35
C ILE A 265 3.88 13.57 -3.63
N THR A 266 3.41 13.71 -4.86
CA THR A 266 2.36 14.62 -5.24
C THR A 266 1.01 14.36 -4.56
N PHE A 267 0.59 13.10 -4.54
CA PHE A 267 -0.69 12.76 -3.92
C PHE A 267 -0.41 11.98 -2.63
N LEU A 268 -1.17 12.30 -1.60
CA LEU A 268 -1.06 11.61 -0.33
C LEU A 268 -1.72 10.22 -0.48
N ARG A 269 -1.37 9.30 0.40
CA ARG A 269 -1.99 7.99 0.26
C ARG A 269 -2.67 7.56 1.56
N ASP A 270 -3.66 6.68 1.49
CA ASP A 270 -4.32 6.21 2.71
C ASP A 270 -3.51 5.05 3.24
N PHE A 271 -3.95 4.36 4.29
CA PHE A 271 -3.29 3.22 4.90
C PHE A 271 -3.05 2.05 3.95
N TRP A 272 -3.94 1.88 2.99
CA TRP A 272 -3.78 0.75 2.07
C TRP A 272 -2.83 1.04 0.92
N GLY A 273 -2.47 2.30 0.76
CA GLY A 273 -1.56 2.73 -0.27
C GLY A 273 -2.29 3.40 -1.43
N ASN A 274 -3.60 3.50 -1.34
CA ASN A 274 -4.40 4.20 -2.35
C ASN A 274 -4.44 5.70 -2.09
N PRO A 275 -4.79 6.50 -3.06
CA PRO A 275 -4.94 7.93 -2.95
C PRO A 275 -5.86 8.38 -1.82
N LEU A 276 -5.36 9.26 -0.94
CA LEU A 276 -6.19 9.82 0.13
C LEU A 276 -7.25 10.69 -0.53
N ARG A 277 -8.47 10.71 -0.02
CA ARG A 277 -9.46 11.54 -0.68
C ARG A 277 -10.23 12.47 0.25
N TYR A 278 -10.76 13.53 -0.36
CA TYR A 278 -11.69 14.41 0.36
C TYR A 278 -13.01 13.71 0.61
N ASP A 279 -13.80 14.15 1.57
CA ASP A 279 -15.14 13.74 1.87
C ASP A 279 -15.36 12.26 2.14
N THR A 280 -14.39 11.61 2.76
CA THR A 280 -14.35 10.19 3.04
C THR A 280 -13.87 9.91 4.48
N GLU A 281 -14.54 8.96 5.14
CA GLU A 281 -14.29 8.62 6.51
C GLU A 281 -13.02 7.79 6.63
N TYR A 282 -12.16 8.23 7.52
CA TYR A 282 -10.88 7.59 7.84
C TYR A 282 -10.75 7.45 9.35
N TYR A 283 -10.31 6.27 9.77
CA TYR A 283 -9.96 6.05 11.16
C TYR A 283 -8.48 6.44 11.33
N LEU A 284 -8.08 7.31 12.24
CA LEU A 284 -6.67 7.67 12.41
C LEU A 284 -5.88 6.79 13.38
N ILE A 285 -4.65 6.43 13.01
CA ILE A 285 -3.80 5.66 13.88
C ILE A 285 -2.38 6.25 13.84
N PRO A 286 -1.77 6.54 15.00
CA PRO A 286 -0.40 7.03 15.07
C PRO A 286 0.60 5.97 14.66
N VAL A 287 1.43 6.21 13.67
CA VAL A 287 2.43 5.31 13.12
C VAL A 287 3.39 4.86 14.20
N ALA A 288 3.82 5.79 15.05
CA ALA A 288 4.72 5.48 16.14
C ALA A 288 4.05 4.72 17.26
N SER A 289 2.74 4.59 17.33
CA SER A 289 2.12 3.85 18.45
C SER A 289 0.96 3.11 17.81
N SER A 290 1.21 2.21 16.85
CA SER A 290 0.20 1.58 16.02
C SER A 290 -0.84 0.72 16.70
N SER A 291 -0.65 0.45 17.97
CA SER A 291 -1.53 -0.20 18.89
C SER A 291 -2.67 0.69 19.38
N LYS A 292 -2.60 1.99 19.12
CA LYS A 292 -3.54 2.95 19.65
C LYS A 292 -4.53 3.57 18.67
N ASP A 293 -5.75 3.66 19.17
CA ASP A 293 -6.81 4.30 18.42
C ASP A 293 -7.00 5.67 19.07
N VAL A 294 -7.74 6.53 18.40
CA VAL A 294 -8.10 7.85 18.90
C VAL A 294 -9.52 7.87 19.48
N GLN A 295 -9.71 8.60 20.56
CA GLN A 295 -10.99 8.72 21.22
C GLN A 295 -11.28 10.18 21.57
N LEU A 296 -12.54 10.51 21.75
CA LEU A 296 -13.01 11.84 22.07
C LEU A 296 -13.58 11.81 23.49
N LYS A 297 -13.08 12.76 24.28
CA LYS A 297 -13.52 12.97 25.66
C LYS A 297 -14.97 13.45 25.61
N ASN A 298 -15.25 14.49 24.87
CA ASN A 298 -16.57 15.05 24.69
C ASN A 298 -16.60 16.04 23.53
N ILE A 299 -17.77 16.38 23.01
CA ILE A 299 -17.79 17.43 21.95
C ILE A 299 -17.38 18.73 22.64
N THR A 300 -16.73 19.64 21.95
CA THR A 300 -16.07 20.84 22.41
C THR A 300 -14.72 20.51 23.09
N ASP A 301 -14.47 19.27 23.48
CA ASP A 301 -13.26 18.90 24.23
C ASP A 301 -12.20 18.17 23.42
N TYR A 302 -11.23 17.56 24.13
CA TYR A 302 -10.05 16.95 23.52
C TYR A 302 -10.08 15.48 23.15
N MET A 303 -9.03 15.11 22.40
CA MET A 303 -8.85 13.73 21.92
C MET A 303 -7.63 13.09 22.58
N TYR A 304 -7.67 11.77 22.69
CA TYR A 304 -6.58 11.02 23.27
C TYR A 304 -6.54 9.58 22.74
N LEU A 305 -5.41 8.92 23.00
CA LEU A 305 -5.16 7.57 22.52
C LEU A 305 -5.74 6.53 23.46
N THR A 306 -6.24 5.43 22.94
CA THR A 306 -6.73 4.28 23.68
C THR A 306 -6.13 3.04 22.98
N ASN A 307 -6.16 1.93 23.69
CA ASN A 307 -5.58 0.70 23.18
C ASN A 307 -6.60 0.03 22.26
N ALA A 308 -6.18 -0.39 21.10
CA ALA A 308 -7.07 -1.10 20.18
C ALA A 308 -7.18 -2.53 20.70
N PRO A 309 -8.34 -3.14 20.56
CA PRO A 309 -8.48 -4.54 20.90
C PRO A 309 -7.74 -5.31 19.81
N SER A 310 -7.40 -6.56 20.05
CA SER A 310 -6.67 -7.38 19.10
C SER A 310 -7.36 -8.69 18.75
N TYR A 311 -7.00 -9.30 17.63
CA TYR A 311 -7.52 -10.59 17.22
C TYR A 311 -6.31 -11.54 17.23
N THR A 312 -6.48 -12.69 17.86
CA THR A 312 -5.40 -13.66 17.92
C THR A 312 -5.95 -15.05 17.54
N ASN A 313 -5.17 -15.77 16.76
CA ASN A 313 -5.48 -17.11 16.30
C ASN A 313 -4.16 -17.91 16.21
N GLY A 314 -3.81 -18.49 17.36
CA GLY A 314 -2.62 -19.29 17.50
C GLY A 314 -2.57 -20.45 16.51
N LYS A 315 -3.67 -21.19 16.39
CA LYS A 315 -3.68 -22.30 15.43
C LYS A 315 -3.41 -21.85 14.00
N LEU A 316 -3.85 -20.68 13.54
CA LEU A 316 -3.52 -20.31 12.17
C LEU A 316 -2.27 -19.43 12.16
N ASN A 317 -1.75 -19.07 13.33
CA ASN A 317 -0.58 -18.22 13.44
C ASN A 317 -0.84 -16.86 12.83
N ILE A 318 -1.98 -16.25 13.18
CA ILE A 318 -2.34 -14.92 12.73
C ILE A 318 -2.80 -14.12 13.94
N TYR A 319 -2.53 -12.84 13.88
CA TYR A 319 -2.92 -11.88 14.90
C TYR A 319 -2.80 -10.46 14.34
N TYR A 320 -3.58 -9.55 14.89
CA TYR A 320 -3.56 -8.15 14.52
C TYR A 320 -4.45 -7.34 15.47
N ARG A 321 -4.05 -6.08 15.64
CA ARG A 321 -4.88 -5.10 16.31
C ARG A 321 -6.06 -4.92 15.34
N ARG A 322 -7.27 -4.96 15.85
CA ARG A 322 -8.49 -4.82 15.09
C ARG A 322 -8.63 -3.39 14.56
N LEU A 323 -9.15 -3.29 13.34
CA LEU A 323 -9.34 -1.96 12.79
C LEU A 323 -10.77 -1.49 12.99
N TYR A 324 -10.96 -0.24 12.61
CA TYR A 324 -12.25 0.44 12.58
C TYR A 324 -12.95 0.73 13.89
N ASN A 325 -12.23 0.91 14.97
CA ASN A 325 -12.75 1.41 16.23
C ASN A 325 -12.12 2.81 16.42
N GLY A 326 -12.71 3.61 17.26
CA GLY A 326 -12.20 4.94 17.56
C GLY A 326 -12.84 5.98 16.65
N LEU A 327 -12.32 7.19 16.68
CA LEU A 327 -12.93 8.24 15.86
C LEU A 327 -12.82 8.07 14.37
N LYS A 328 -13.83 8.55 13.68
CA LYS A 328 -13.83 8.63 12.23
C LYS A 328 -13.58 10.11 11.91
N PHE A 329 -12.72 10.38 10.96
CA PHE A 329 -12.44 11.75 10.54
C PHE A 329 -12.78 11.92 9.06
N ILE A 330 -13.03 13.17 8.65
CA ILE A 330 -13.26 13.53 7.28
C ILE A 330 -12.40 14.73 6.91
N ILE A 331 -11.80 14.67 5.73
CA ILE A 331 -11.03 15.80 5.21
C ILE A 331 -11.86 16.61 4.22
N LYS A 332 -11.96 17.93 4.45
CA LYS A 332 -12.69 18.79 3.54
C LYS A 332 -11.78 19.89 2.96
N ARG A 333 -12.05 20.27 1.73
CA ARG A 333 -11.34 21.33 1.05
C ARG A 333 -11.36 22.66 1.80
N TYR A 334 -10.20 23.29 2.03
CA TYR A 334 -10.21 24.57 2.77
C TYR A 334 -10.86 25.62 1.87
N THR A 335 -10.46 25.67 0.62
CA THR A 335 -11.12 26.52 -0.36
C THR A 335 -11.23 25.66 -1.63
N PRO A 336 -12.09 26.07 -2.55
CA PRO A 336 -12.31 25.35 -3.80
C PRO A 336 -11.13 25.44 -4.74
N ASN A 337 -10.76 26.66 -5.11
CA ASN A 337 -9.50 26.94 -5.85
C ASN A 337 -9.57 26.88 -7.42
N ASN A 338 -8.89 25.84 -7.91
CA ASN A 338 -8.49 25.58 -9.26
C ASN A 338 -9.30 24.62 -10.12
N GLU A 339 -9.67 23.50 -9.57
CA GLU A 339 -10.38 22.42 -10.25
C GLU A 339 -10.67 21.42 -9.13
N ILE A 340 -11.83 20.78 -9.15
CA ILE A 340 -12.11 19.89 -8.03
C ILE A 340 -11.53 18.51 -8.22
N ASP A 341 -10.48 18.23 -7.46
CA ASP A 341 -9.93 16.87 -7.48
C ASP A 341 -10.48 16.19 -6.22
N SER A 342 -10.84 14.93 -6.38
CA SER A 342 -11.29 14.11 -5.26
C SER A 342 -10.09 13.67 -4.39
N PHE A 343 -8.89 13.64 -4.94
CA PHE A 343 -7.71 13.26 -4.19
C PHE A 343 -7.05 14.47 -3.50
N VAL A 344 -6.50 14.19 -2.31
CA VAL A 344 -5.81 15.24 -1.58
C VAL A 344 -4.34 15.22 -1.98
N LYS A 345 -3.82 16.39 -2.33
CA LYS A 345 -2.41 16.50 -2.67
C LYS A 345 -1.63 17.12 -1.51
N SER A 346 -0.37 16.70 -1.45
CA SER A 346 0.56 17.24 -0.47
C SER A 346 0.60 18.75 -0.65
N GLY A 347 0.46 19.49 0.45
CA GLY A 347 0.46 20.96 0.34
C GLY A 347 -0.97 21.49 0.30
N ASP A 348 -1.97 20.60 0.26
CA ASP A 348 -3.34 21.08 0.24
C ASP A 348 -3.74 21.60 1.61
N PHE A 349 -4.53 22.68 1.53
CA PHE A 349 -5.10 23.29 2.72
C PHE A 349 -6.47 22.65 2.88
N ILE A 350 -6.74 22.18 4.07
CA ILE A 350 -7.93 21.45 4.37
C ILE A 350 -8.49 21.86 5.74
N LYS A 351 -9.61 21.22 6.01
CA LYS A 351 -10.26 21.30 7.31
C LYS A 351 -10.57 19.85 7.71
N LEU A 352 -10.32 19.52 8.95
CA LEU A 352 -10.52 18.19 9.48
C LEU A 352 -11.70 18.14 10.41
N TYR A 353 -12.57 17.13 10.22
CA TYR A 353 -13.77 17.05 11.02
C TYR A 353 -13.82 15.67 11.68
N VAL A 354 -14.47 15.58 12.83
CA VAL A 354 -14.73 14.28 13.35
C VAL A 354 -16.14 13.98 12.98
N SER A 355 -16.35 12.76 12.50
CA SER A 355 -17.65 12.37 11.99
C SER A 355 -18.28 11.28 12.83
N TYR A 356 -19.43 11.58 13.42
CA TYR A 356 -20.19 10.60 14.18
C TYR A 356 -21.64 11.06 14.25
N ASN A 357 -22.57 10.14 14.39
CA ASN A 357 -24.00 10.41 14.49
C ASN A 357 -24.52 11.27 13.35
N ASN A 358 -24.15 10.96 12.12
CA ASN A 358 -24.47 11.73 10.94
C ASN A 358 -24.06 13.20 11.03
N ASN A 359 -23.14 13.56 11.90
CA ASN A 359 -22.72 14.93 12.11
C ASN A 359 -21.20 15.04 11.96
N GLU A 360 -20.77 16.22 11.56
CA GLU A 360 -19.39 16.58 11.35
C GLU A 360 -19.05 17.69 12.37
N HIS A 361 -17.92 17.58 13.06
CA HIS A 361 -17.50 18.56 14.05
C HIS A 361 -16.04 18.95 13.76
N ILE A 362 -15.81 20.23 13.49
CA ILE A 362 -14.50 20.65 13.08
C ILE A 362 -13.45 20.47 14.19
N VAL A 363 -12.24 20.16 13.78
CA VAL A 363 -11.09 20.00 14.69
C VAL A 363 -10.30 21.29 14.70
N GLY A 364 -9.91 21.84 15.85
CA GLY A 364 -9.09 23.07 15.76
C GLY A 364 -8.49 23.40 17.12
N TYR A 365 -7.90 24.57 17.21
CA TYR A 365 -7.35 25.05 18.48
C TYR A 365 -7.91 26.47 18.72
N PRO A 366 -8.65 26.63 19.79
CA PRO A 366 -9.25 27.88 20.17
C PRO A 366 -8.16 28.89 20.59
N LYS A 367 -8.31 30.14 20.18
CA LYS A 367 -7.39 31.17 20.58
C LYS A 367 -7.21 31.20 22.11
N ASP A 368 -5.97 31.09 22.56
CA ASP A 368 -5.60 31.09 23.95
C ASP A 368 -6.14 29.90 24.74
N GLY A 369 -6.54 28.84 24.06
CA GLY A 369 -7.06 27.65 24.71
C GLY A 369 -5.93 26.87 25.38
N ASN A 370 -6.32 25.96 26.25
CA ASN A 370 -5.37 25.14 26.98
C ASN A 370 -4.27 24.56 26.10
N ALA A 371 -3.06 24.67 26.62
CA ALA A 371 -1.87 24.16 25.97
C ALA A 371 -0.80 23.79 27.00
N PHE A 372 0.08 22.87 26.66
CA PHE A 372 1.16 22.53 27.59
C PHE A 372 2.13 23.69 27.60
N ASN A 373 2.85 23.84 28.71
CA ASN A 373 3.78 24.92 28.90
C ASN A 373 4.75 25.11 27.75
N ASN A 374 5.22 24.05 27.09
CA ASN A 374 6.16 24.14 25.96
C ASN A 374 5.46 24.62 24.70
N LEU A 375 4.16 24.83 24.79
CA LEU A 375 3.28 25.27 23.75
C LEU A 375 2.80 24.17 22.81
N ASP A 376 2.45 23.04 23.41
CA ASP A 376 1.77 22.01 22.62
C ASP A 376 0.27 22.36 22.75
N ARG A 377 -0.33 22.85 21.66
CA ARG A 377 -1.72 23.31 21.73
C ARG A 377 -2.71 22.14 21.80
N ILE A 378 -3.60 22.06 22.78
CA ILE A 378 -4.54 20.93 22.84
C ILE A 378 -5.64 21.12 21.79
N LEU A 379 -5.82 20.13 20.93
CA LEU A 379 -6.83 20.22 19.87
C LEU A 379 -8.22 20.00 20.47
N ARG A 380 -9.22 20.61 19.87
CA ARG A 380 -10.59 20.53 20.33
C ARG A 380 -11.52 20.20 19.17
N VAL A 381 -12.59 19.47 19.49
CA VAL A 381 -13.58 19.01 18.54
C VAL A 381 -14.94 19.69 18.72
N GLY A 382 -15.46 20.33 17.69
CA GLY A 382 -16.75 21.03 17.79
C GLY A 382 -16.69 22.20 18.79
N TYR A 383 -15.52 22.85 18.93
CA TYR A 383 -15.43 23.95 19.90
C TYR A 383 -16.28 25.11 19.38
N ASN A 384 -17.07 25.75 20.23
CA ASN A 384 -17.91 26.84 19.74
C ASN A 384 -18.20 27.94 20.74
N ALA A 385 -17.21 28.33 21.54
CA ALA A 385 -17.41 29.44 22.49
C ALA A 385 -17.56 30.72 21.68
N PRO A 386 -18.64 31.48 21.98
CA PRO A 386 -18.97 32.72 21.31
C PRO A 386 -17.84 33.73 21.40
N GLY A 387 -17.48 34.37 20.30
CA GLY A 387 -16.43 35.37 20.29
C GLY A 387 -15.00 34.90 20.14
N ILE A 388 -14.70 33.66 20.52
CA ILE A 388 -13.37 33.10 20.52
C ILE A 388 -12.96 32.52 19.17
N PRO A 389 -11.90 33.09 18.59
CA PRO A 389 -11.33 32.62 17.33
C PRO A 389 -11.01 31.14 17.48
N LEU A 390 -11.32 30.35 16.47
CA LEU A 390 -11.02 28.92 16.45
C LEU A 390 -10.13 28.67 15.22
N TYR A 391 -8.92 28.22 15.47
CA TYR A 391 -7.93 27.99 14.41
C TYR A 391 -8.13 26.62 13.80
N LYS A 392 -8.50 26.56 12.54
CA LYS A 392 -8.81 25.22 11.99
C LYS A 392 -8.16 24.96 10.66
N LYS A 393 -7.47 25.93 10.07
CA LYS A 393 -6.83 25.67 8.79
C LYS A 393 -5.61 24.76 8.94
N MET A 394 -5.57 23.72 8.11
CA MET A 394 -4.51 22.75 8.13
C MET A 394 -3.99 22.57 6.71
N GLU A 395 -2.79 22.05 6.66
CA GLU A 395 -2.12 21.66 5.44
C GLU A 395 -1.79 20.17 5.60
N ALA A 396 -2.27 19.42 4.63
CA ALA A 396 -2.04 17.98 4.56
C ALA A 396 -0.70 17.77 3.87
N VAL A 397 0.29 17.24 4.58
CA VAL A 397 1.61 17.15 3.99
C VAL A 397 2.30 15.80 4.18
N LYS A 398 3.33 15.61 3.38
CA LYS A 398 4.21 14.44 3.43
C LYS A 398 5.62 14.96 3.72
N LEU A 399 6.07 15.01 4.97
CA LEU A 399 7.40 15.61 5.23
C LEU A 399 8.51 14.60 5.39
N ARG A 400 8.12 13.32 5.50
CA ARG A 400 9.15 12.32 5.83
C ARG A 400 8.66 10.91 5.60
N ASP A 401 9.54 9.93 5.80
CA ASP A 401 9.21 8.52 5.73
C ASP A 401 8.40 8.16 4.50
N LEU A 402 9.09 8.25 3.36
CA LEU A 402 8.54 8.05 2.04
C LEU A 402 7.84 6.75 1.69
N LYS A 403 8.32 5.59 2.14
CA LYS A 403 7.73 4.31 1.76
C LYS A 403 6.53 3.88 2.60
N THR A 404 6.30 4.62 3.67
CA THR A 404 5.26 4.39 4.65
C THR A 404 4.04 5.22 4.16
N TYR A 405 2.85 4.65 4.23
CA TYR A 405 1.64 5.34 3.79
C TYR A 405 1.04 6.20 4.90
N SER A 406 1.79 7.25 5.25
CA SER A 406 1.40 8.10 6.34
C SER A 406 1.38 9.56 5.91
N VAL A 407 0.85 10.38 6.78
CA VAL A 407 0.61 11.81 6.53
C VAL A 407 0.94 12.60 7.77
N GLN A 408 1.25 13.87 7.58
CA GLN A 408 1.45 14.81 8.66
C GLN A 408 0.41 15.90 8.38
N LEU A 409 -0.01 16.49 9.48
CA LEU A 409 -0.99 17.56 9.38
C LEU A 409 -0.41 18.77 10.17
N LYS A 410 -0.41 19.88 9.50
CA LYS A 410 0.10 21.15 9.98
C LYS A 410 -1.01 22.17 10.16
N LEU A 411 -1.21 22.61 11.39
CA LEU A 411 -2.22 23.55 11.81
C LEU A 411 -1.71 25.00 11.80
N TYR A 412 -2.54 25.93 11.35
CA TYR A 412 -2.18 27.34 11.27
C TYR A 412 -3.13 28.25 12.05
N ASP A 413 -2.67 29.45 12.43
CA ASP A 413 -3.64 30.37 13.04
C ASP A 413 -4.23 31.23 11.94
N ASP A 414 -4.98 32.29 12.24
CA ASP A 414 -5.52 33.16 11.20
C ASP A 414 -4.54 34.09 10.52
N LYS A 415 -3.33 34.25 11.05
CA LYS A 415 -2.33 35.06 10.33
C LYS A 415 -1.49 34.09 9.51
N ASN A 416 -1.82 32.80 9.51
CA ASN A 416 -1.06 31.85 8.70
C ASN A 416 0.30 31.56 9.32
N ALA A 417 0.37 31.61 10.65
CA ALA A 417 1.55 31.19 11.36
C ALA A 417 1.36 29.74 11.84
N SER A 418 2.44 28.98 11.76
CA SER A 418 2.40 27.58 12.14
C SER A 418 2.08 27.37 13.60
N LEU A 419 1.10 26.53 13.87
CA LEU A 419 0.79 26.18 15.25
C LEU A 419 1.41 24.81 15.53
N GLY A 420 1.98 24.20 14.50
CA GLY A 420 2.64 22.94 14.60
C GLY A 420 2.07 21.72 13.92
N LEU A 421 2.82 20.61 13.92
CA LEU A 421 2.30 19.35 13.37
C LEU A 421 1.42 18.69 14.42
N VAL A 422 0.35 18.04 13.95
CA VAL A 422 -0.55 17.32 14.87
C VAL A 422 0.20 16.12 15.41
N GLY A 423 0.14 15.92 16.71
CA GLY A 423 0.80 14.76 17.33
C GLY A 423 0.17 14.54 18.69
N THR A 424 0.88 13.96 19.65
CA THR A 424 0.35 13.74 20.98
C THR A 424 1.34 14.24 22.05
N HIS A 425 0.76 14.51 23.21
CA HIS A 425 1.54 14.93 24.37
C HIS A 425 1.01 14.18 25.60
N ASN A 426 1.90 13.63 26.38
CA ASN A 426 1.51 12.89 27.58
C ASN A 426 1.33 13.86 28.75
N GLY A 427 0.22 13.67 29.47
CA GLY A 427 -0.14 14.55 30.55
C GLY A 427 -1.60 14.39 30.97
N GLN A 428 -2.05 15.37 31.77
CA GLN A 428 -3.44 15.26 32.24
C GLN A 428 -4.09 16.63 32.28
N ILE A 429 -5.39 16.61 32.08
CA ILE A 429 -6.30 17.75 32.03
C ILE A 429 -7.30 17.60 33.17
N GLY A 430 -7.27 18.54 34.11
CA GLY A 430 -8.16 18.51 35.27
C GLY A 430 -7.84 17.31 36.14
N ASN A 431 -8.86 16.56 36.52
CA ASN A 431 -8.67 15.34 37.30
C ASN A 431 -8.78 14.09 36.44
N ASP A 432 -8.65 14.23 35.12
CA ASP A 432 -8.72 13.06 34.25
C ASP A 432 -7.45 12.22 34.38
N PRO A 433 -7.55 10.92 34.11
CA PRO A 433 -6.40 10.03 34.07
C PRO A 433 -5.36 10.55 33.08
N ASN A 434 -4.10 10.21 33.30
CA ASN A 434 -2.99 10.63 32.44
C ASN A 434 -3.20 10.04 31.05
N ARG A 435 -3.04 10.77 29.97
CA ARG A 435 -3.34 10.34 28.61
C ARG A 435 -2.40 10.91 27.57
N ASP A 436 -2.29 10.30 26.39
CA ASP A 436 -1.52 10.85 25.28
C ASP A 436 -2.54 11.69 24.50
N ILE A 437 -2.55 12.98 24.81
CA ILE A 437 -3.61 13.86 24.31
C ILE A 437 -3.20 14.50 22.97
N LEU A 438 -4.13 14.54 22.01
CA LEU A 438 -3.79 15.09 20.69
C LEU A 438 -3.47 16.60 20.75
N ILE A 439 -2.39 17.03 20.12
CA ILE A 439 -1.94 18.42 20.20
C ILE A 439 -1.41 18.83 18.84
N ALA A 440 -0.97 20.08 18.70
CA ALA A 440 -0.29 20.57 17.53
C ALA A 440 1.00 21.16 18.15
N SER A 441 2.16 20.87 17.62
CA SER A 441 3.41 21.35 18.19
C SER A 441 4.47 21.58 17.14
N ASN A 442 5.19 22.71 17.25
CA ASN A 442 6.30 22.96 16.34
C ASN A 442 7.56 22.15 16.66
N TRP A 443 7.65 21.51 17.80
CA TRP A 443 8.79 20.69 18.19
C TRP A 443 9.15 19.66 17.13
N TYR A 444 8.11 19.05 16.51
CA TYR A 444 8.29 18.05 15.49
C TYR A 444 9.12 18.53 14.33
N PHE A 445 9.07 19.82 14.01
CA PHE A 445 9.88 20.31 12.88
C PHE A 445 11.38 20.12 13.06
N ASN A 446 11.92 20.05 14.27
CA ASN A 446 13.37 19.84 14.42
C ASN A 446 13.76 18.39 14.56
N HIS A 447 12.84 17.43 14.33
CA HIS A 447 13.12 16.00 14.48
C HIS A 447 12.61 15.18 13.29
N LEU A 448 12.50 15.80 12.13
CA LEU A 448 11.95 15.14 10.95
C LEU A 448 12.80 14.02 10.38
N LYS A 449 14.05 13.84 10.81
CA LYS A 449 14.87 12.75 10.32
C LYS A 449 14.84 11.56 11.27
N ASP A 450 14.19 11.69 12.43
CA ASP A 450 14.13 10.58 13.35
C ASP A 450 13.53 9.35 12.68
N LYS A 451 13.81 8.20 13.26
CA LYS A 451 13.29 6.95 12.76
C LYS A 451 11.77 6.90 12.94
N ILE A 452 11.32 7.14 14.17
CA ILE A 452 9.92 7.07 14.56
C ILE A 452 9.49 8.45 15.07
N LEU A 453 8.34 8.96 14.70
CA LEU A 453 7.98 10.32 15.15
C LEU A 453 6.49 10.43 15.42
N GLY A 454 6.14 11.05 16.53
CA GLY A 454 4.78 11.21 16.99
C GLY A 454 3.84 12.03 16.16
N CYS A 455 4.25 12.60 15.05
CA CYS A 455 3.36 13.37 14.19
C CYS A 455 3.01 12.61 12.91
N ASP A 456 3.37 11.32 12.80
CA ASP A 456 2.99 10.59 11.58
C ASP A 456 1.66 9.86 11.83
N TRP A 457 0.73 9.98 10.88
CA TRP A 457 -0.58 9.40 11.07
C TRP A 457 -0.99 8.47 9.92
N TYR A 458 -1.68 7.39 10.26
CA TYR A 458 -2.20 6.53 9.18
C TYR A 458 -3.68 6.90 8.98
N PHE A 459 -4.15 7.04 7.75
CA PHE A 459 -5.55 7.31 7.53
C PHE A 459 -6.21 6.05 6.94
N VAL A 460 -7.01 5.37 7.75
CA VAL A 460 -7.62 4.09 7.44
C VAL A 460 -9.11 4.10 7.13
N PRO A 461 -9.43 3.89 5.87
CA PRO A 461 -10.82 3.78 5.45
C PRO A 461 -11.28 2.32 5.55
N THR A 462 -12.57 2.15 5.79
CA THR A 462 -13.13 0.79 5.83
C THR A 462 -12.95 0.21 4.43
N ASP A 463 -12.53 -1.04 4.30
CA ASP A 463 -12.30 -1.61 2.97
C ASP A 463 -12.62 -3.11 2.96
N GLU A 464 -13.17 -3.59 1.87
CA GLU A 464 -13.62 -4.96 1.65
C GLU A 464 -12.44 -5.93 1.68
N GLY A 465 -11.21 -5.49 1.49
CA GLY A 465 -10.03 -6.32 1.64
C GLY A 465 -9.67 -6.55 3.10
N TRP A 466 -10.32 -5.87 4.05
CA TRP A 466 -9.97 -6.11 5.45
C TRP A 466 -11.25 -6.14 6.26
N THR A 467 -11.60 -7.31 6.77
CA THR A 467 -12.68 -7.53 7.69
C THR A 467 -12.09 -8.17 8.95
N ASN A 468 -12.38 -7.65 10.14
CA ASN A 468 -11.87 -8.26 11.35
C ASN A 468 -12.64 -9.59 11.55
N ASP A 469 -11.99 -10.64 12.00
CA ASP A 469 -12.45 -12.00 12.16
C ASP A 469 -13.43 -12.14 13.33
#